data_6C0S
#
_entry.id   6C0S
#
_cell.length_a   78.900
_cell.length_b   78.900
_cell.length_c   107.000
_cell.angle_alpha   90.000
_cell.angle_beta   90.000
_cell.angle_gamma   120.000
#
_symmetry.space_group_name_H-M   'P 32 2 1'
#
loop_
_entity.id
_entity.type
_entity.pdbx_description
1 polymer 'Coagulation factor XI'
2 non-polymer 'methyl (4-{6-[(1S)-2-[(3R)-1-acetylpiperidin-3-yl]-1-({(2E)-3-[5-chloro-2-(1H-tetrazol-1-yl)phenyl]prop-2-enoyl}amino)ethyl]-3-chloropyridazin-4-yl}phenyl)carbamate'
3 non-polymer 'SULFATE ION'
4 non-polymer 1,2-ETHANEDIOL
5 water water
#
_entity_poly.entity_id   1
_entity_poly.type   'polypeptide(L)'
_entity_poly.pdbx_seq_one_letter_code
;IVGGTASVRGEWPWQVTLHTTSPTQRHLCGGSIIGNQWILTAAHCFYGVESPKILRVYSGILNQSEIKEDTSFFGVQEII
IHDQYKMAESGYDIALLKLETTVGYGDSQRPICLPSKGDRNVIYTDCWVTGWGYRKLRDKIQNTLQKAKIPLVTNEECQK
RYRGHKITHKMICAGYREGGKDACKGDSGGPLSCKHNEVWHLVGITSWGEGCAQRERPGVYTNVVEYVDWILEKTQAVHH
HHHH
;
_entity_poly.pdbx_strand_id   A
#
loop_
_chem_comp.id
_chem_comp.type
_chem_comp.name
_chem_comp.formula
EDO non-polymer 1,2-ETHANEDIOL 'C2 H6 O2'
EEJ non-polymer 'methyl (4-{6-[(1S)-2-[(3R)-1-acetylpiperidin-3-yl]-1-({(2E)-3-[5-chloro-2-(1H-tetrazol-1-yl)phenyl]prop-2-enoyl}amino)ethyl]-3-chloropyridazin-4-yl}phenyl)carbamate' 'C31 H31 Cl2 N9 O4'
SO4 non-polymer 'SULFATE ION' 'O4 S -2'
#
# COMPACT_ATOMS: atom_id res chain seq x y z
N ILE A 1 -8.66 7.91 0.42
CA ILE A 1 -8.60 8.05 1.88
C ILE A 1 -9.82 8.79 2.39
N VAL A 2 -10.52 8.18 3.35
CA VAL A 2 -11.69 8.80 4.02
C VAL A 2 -11.21 9.49 5.29
N GLY A 3 -11.68 10.74 5.51
CA GLY A 3 -11.38 11.52 6.70
C GLY A 3 -9.92 11.84 6.88
N GLY A 4 -9.21 12.00 5.76
CA GLY A 4 -7.80 12.36 5.78
C GLY A 4 -7.55 13.80 5.42
N THR A 5 -6.29 14.21 5.44
CA THR A 5 -5.86 15.58 5.10
C THR A 5 -4.73 15.50 4.07
N ALA A 6 -4.55 16.57 3.28
CA ALA A 6 -3.51 16.68 2.27
C ALA A 6 -2.16 16.47 2.91
N SER A 7 -1.30 15.77 2.19
CA SER A 7 0.07 15.56 2.60
C SER A 7 0.88 16.77 2.13
N VAL A 8 2.03 16.95 2.72
CA VAL A 8 3.01 17.98 2.37
C VAL A 8 4.02 17.23 1.48
N ARG A 9 4.65 17.92 0.52
CA ARG A 9 5.62 17.28 -0.37
C ARG A 9 6.80 16.73 0.44
N GLY A 10 7.17 15.48 0.16
CA GLY A 10 8.28 14.76 0.80
C GLY A 10 7.93 14.10 2.12
N GLU A 11 6.68 14.21 2.55
CA GLU A 11 6.21 13.62 3.80
C GLU A 11 6.26 12.06 3.78
N TRP A 12 5.98 11.44 2.63
CA TRP A 12 5.95 9.97 2.43
C TRP A 12 6.77 9.61 1.19
N PRO A 13 8.11 9.76 1.22
CA PRO A 13 8.90 9.58 -0.01
C PRO A 13 8.94 8.14 -0.57
N TRP A 14 8.43 7.16 0.20
CA TRP A 14 8.33 5.78 -0.27
C TRP A 14 7.01 5.54 -1.06
N GLN A 15 6.01 6.43 -0.94
CA GLN A 15 4.75 6.29 -1.68
C GLN A 15 4.93 6.53 -3.18
N VAL A 16 4.39 5.62 -3.96
CA VAL A 16 4.36 5.72 -5.42
C VAL A 16 2.92 5.58 -5.87
N THR A 17 2.68 6.01 -7.09
CA THR A 17 1.40 5.87 -7.78
C THR A 17 1.71 4.96 -8.96
N LEU A 18 1.03 3.83 -8.99
CA LEU A 18 1.18 2.85 -10.05
C LEU A 18 0.08 3.12 -11.06
N HIS A 19 0.47 3.42 -12.30
CA HIS A 19 -0.47 3.66 -13.39
C HIS A 19 -0.51 2.52 -14.34
N THR A 20 -1.64 2.37 -15.03
CA THR A 20 -1.76 1.44 -16.14
C THR A 20 -1.93 2.32 -17.37
N THR A 21 -1.43 1.93 -18.57
CA THR A 21 -1.66 2.66 -19.84
C THR A 21 -2.77 2.04 -20.70
N SER A 22 -3.38 0.89 -20.29
CA SER A 22 -4.44 0.16 -21.01
C SER A 22 -5.82 0.23 -20.35
N PRO A 23 -6.88 0.70 -21.06
CA PRO A 23 -6.90 1.21 -22.45
C PRO A 23 -6.32 2.62 -22.61
N THR A 24 -6.52 3.47 -21.57
CA THR A 24 -5.97 4.85 -21.42
C THR A 24 -5.17 4.88 -20.11
N GLN A 25 -4.30 5.89 -19.96
CA GLN A 25 -3.47 5.97 -18.77
C GLN A 25 -4.23 6.55 -17.60
N ARG A 26 -4.15 5.83 -16.45
CA ARG A 26 -4.75 6.24 -15.18
C ARG A 26 -4.06 5.58 -13.99
N HIS A 27 -4.25 6.16 -12.80
CA HIS A 27 -3.81 5.63 -11.54
C HIS A 27 -4.54 4.28 -11.38
N LEU A 28 -3.81 3.24 -10.99
CA LEU A 28 -4.31 1.89 -10.75
C LEU A 28 -4.26 1.57 -9.25
N CYS A 29 -3.08 1.78 -8.62
CA CYS A 29 -2.82 1.43 -7.23
C CYS A 29 -1.72 2.27 -6.65
N GLY A 30 -1.59 2.16 -5.34
CA GLY A 30 -0.49 2.71 -4.58
C GLY A 30 0.60 1.65 -4.53
N GLY A 31 1.73 2.01 -3.97
CA GLY A 31 2.87 1.13 -3.81
C GLY A 31 3.89 1.82 -2.94
N SER A 32 4.86 1.04 -2.43
CA SER A 32 5.94 1.54 -1.59
C SER A 32 7.30 1.16 -2.13
N ILE A 33 8.23 2.10 -2.12
CA ILE A 33 9.63 1.84 -2.48
C ILE A 33 10.25 1.10 -1.33
N ILE A 34 10.77 -0.09 -1.58
CA ILE A 34 11.44 -0.85 -0.51
C ILE A 34 12.95 -1.12 -0.82
N GLY A 35 13.36 -0.88 -2.05
CA GLY A 35 14.73 -1.08 -2.54
C GLY A 35 14.90 -0.28 -3.81
N ASN A 36 16.14 -0.21 -4.35
CA ASN A 36 16.40 0.67 -5.50
C ASN A 36 15.77 0.21 -6.78
N GLN A 37 15.23 -1.00 -6.84
CA GLN A 37 14.51 -1.41 -8.06
C GLN A 37 13.23 -2.19 -7.70
N TRP A 38 12.78 -2.01 -6.47
CA TRP A 38 11.67 -2.75 -5.87
C TRP A 38 10.57 -1.89 -5.30
N ILE A 39 9.34 -2.20 -5.75
CA ILE A 39 8.08 -1.62 -5.26
C ILE A 39 7.27 -2.75 -4.61
N LEU A 40 6.81 -2.56 -3.36
CA LEU A 40 5.95 -3.51 -2.67
C LEU A 40 4.51 -2.98 -2.74
N THR A 41 3.62 -3.82 -3.26
CA THR A 41 2.24 -3.47 -3.53
C THR A 41 1.33 -4.68 -3.28
N ALA A 42 0.05 -4.57 -3.65
CA ALA A 42 -0.93 -5.61 -3.44
C ALA A 42 -1.11 -6.40 -4.72
N ALA A 43 -1.16 -7.74 -4.59
CA ALA A 43 -1.37 -8.69 -5.68
C ALA A 43 -2.66 -8.44 -6.42
N HIS A 44 -3.76 -7.98 -5.72
CA HIS A 44 -5.08 -7.73 -6.34
C HIS A 44 -5.06 -6.64 -7.40
N CYS A 45 -4.04 -5.75 -7.34
CA CYS A 45 -3.84 -4.66 -8.31
C CYS A 45 -3.69 -5.16 -9.74
N PHE A 46 -3.23 -6.41 -9.91
CA PHE A 46 -2.93 -6.96 -11.23
C PHE A 46 -4.02 -7.88 -11.79
N TYR A 47 -5.25 -7.79 -11.27
CA TYR A 47 -6.38 -8.54 -11.82
C TYR A 47 -6.55 -8.08 -13.28
N GLY A 48 -6.40 -9.01 -14.22
CA GLY A 48 -6.47 -8.67 -15.64
C GLY A 48 -5.31 -7.84 -16.19
N VAL A 49 -4.13 -7.84 -15.52
CA VAL A 49 -2.94 -7.18 -16.05
C VAL A 49 -2.17 -8.36 -16.68
N GLU A 50 -2.07 -8.37 -17.99
CA GLU A 50 -1.46 -9.49 -18.72
C GLU A 50 0.04 -9.32 -18.95
N SER A 51 0.53 -8.08 -18.90
CA SER A 51 1.92 -7.79 -19.15
C SER A 51 2.43 -6.63 -18.26
N PRO A 52 3.71 -6.67 -17.80
CA PRO A 52 4.25 -5.53 -17.05
C PRO A 52 4.51 -4.31 -17.95
N LYS A 53 4.41 -4.49 -19.28
CA LYS A 53 4.66 -3.43 -20.29
C LYS A 53 3.64 -2.30 -20.26
N ILE A 54 2.46 -2.53 -19.67
CA ILE A 54 1.43 -1.48 -19.58
C ILE A 54 1.51 -0.70 -18.26
N LEU A 55 2.50 -1.01 -17.42
CA LEU A 55 2.65 -0.38 -16.11
C LEU A 55 3.68 0.75 -16.10
N ARG A 56 3.40 1.79 -15.32
CA ARG A 56 4.28 2.94 -15.12
C ARG A 56 4.27 3.27 -13.63
N VAL A 57 5.46 3.37 -13.03
CA VAL A 57 5.61 3.72 -11.61
C VAL A 57 6.08 5.15 -11.52
N TYR A 58 5.32 6.00 -10.83
CA TYR A 58 5.71 7.39 -10.57
C TYR A 58 6.04 7.57 -9.10
N SER A 59 7.29 7.98 -8.84
CA SER A 59 7.80 8.26 -7.51
C SER A 59 7.99 9.78 -7.42
N GLY A 60 8.12 10.30 -6.20
CA GLY A 60 8.34 11.74 -6.01
C GLY A 60 7.19 12.63 -6.42
N ILE A 61 5.97 12.11 -6.33
CA ILE A 61 4.75 12.81 -6.70
C ILE A 61 3.88 13.14 -5.47
N LEU A 62 3.44 14.41 -5.39
CA LEU A 62 2.50 14.84 -4.39
C LEU A 62 1.12 14.86 -5.07
N ASN A 63 1.04 15.57 -6.20
CA ASN A 63 -0.18 15.78 -6.96
C ASN A 63 -0.19 15.01 -8.25
N GLN A 64 -1.31 14.32 -8.53
CA GLN A 64 -1.50 13.55 -9.76
C GLN A 64 -1.32 14.43 -11.02
N SER A 65 -1.63 15.75 -10.92
CA SER A 65 -1.46 16.73 -12.02
C SER A 65 0.00 16.96 -12.42
N GLU A 66 0.97 16.49 -11.59
CA GLU A 66 2.40 16.53 -11.92
C GLU A 66 2.71 15.52 -13.01
N ILE A 67 1.77 14.59 -13.27
CA ILE A 67 1.92 13.51 -14.27
C ILE A 67 1.27 13.89 -15.62
N LYS A 68 2.13 14.07 -16.61
CA LYS A 68 1.74 14.34 -17.98
C LYS A 68 2.53 13.38 -18.85
N GLU A 69 2.37 13.48 -20.18
CA GLU A 69 3.06 12.67 -21.20
C GLU A 69 4.58 12.82 -21.05
N ASP A 70 5.03 14.00 -20.61
CA ASP A 70 6.46 14.31 -20.45
C ASP A 70 7.06 14.04 -19.04
N THR A 71 6.26 13.50 -18.07
CA THR A 71 6.75 13.18 -16.72
C THR A 71 7.48 11.85 -16.78
N SER A 72 8.66 11.79 -16.20
CA SER A 72 9.48 10.59 -16.20
C SER A 72 8.86 9.60 -15.20
N PHE A 73 9.07 8.32 -15.46
CA PHE A 73 8.52 7.22 -14.65
C PHE A 73 9.53 6.07 -14.72
N PHE A 74 9.23 5.01 -13.99
CA PHE A 74 9.99 3.76 -13.98
C PHE A 74 9.11 2.71 -14.67
N GLY A 75 9.68 2.02 -15.65
CA GLY A 75 9.02 0.90 -16.30
C GLY A 75 9.10 -0.30 -15.38
N VAL A 76 8.27 -1.30 -15.61
CA VAL A 76 8.27 -2.50 -14.76
C VAL A 76 8.81 -3.66 -15.62
N GLN A 77 9.85 -4.31 -15.13
CA GLN A 77 10.52 -5.44 -15.75
C GLN A 77 9.70 -6.68 -15.43
N GLU A 78 9.35 -6.88 -14.16
CA GLU A 78 8.66 -8.08 -13.72
C GLU A 78 7.63 -7.81 -12.65
N ILE A 79 6.49 -8.51 -12.75
CA ILE A 79 5.45 -8.50 -11.73
C ILE A 79 5.59 -9.85 -10.99
N ILE A 80 5.89 -9.82 -9.69
CA ILE A 80 6.01 -11.03 -8.87
C ILE A 80 4.85 -11.10 -7.87
N ILE A 81 3.91 -12.03 -8.07
CA ILE A 81 2.75 -12.21 -7.20
C ILE A 81 3.00 -13.40 -6.28
N HIS A 82 2.64 -13.30 -4.99
CA HIS A 82 2.77 -14.42 -4.05
C HIS A 82 2.05 -15.66 -4.65
N ASP A 83 2.67 -16.84 -4.52
CA ASP A 83 2.15 -18.07 -5.11
C ASP A 83 0.85 -18.54 -4.50
N GLN A 84 0.59 -18.20 -3.24
CA GLN A 84 -0.64 -18.63 -2.57
C GLN A 84 -1.73 -17.63 -2.75
N TYR A 85 -1.47 -16.49 -3.44
CA TYR A 85 -2.51 -15.49 -3.68
C TYR A 85 -3.64 -15.99 -4.56
N LYS A 86 -4.86 -15.89 -4.05
CA LYS A 86 -6.10 -16.20 -4.75
C LYS A 86 -6.96 -14.93 -4.80
N MET A 87 -7.19 -14.31 -3.62
CA MET A 87 -8.01 -13.11 -3.53
C MET A 87 -7.65 -12.36 -2.29
N ALA A 88 -7.92 -11.04 -2.26
CA ALA A 88 -7.60 -10.15 -1.16
C ALA A 88 -8.18 -10.64 0.13
N GLU A 89 -9.44 -11.07 0.10
CA GLU A 89 -10.14 -11.55 1.32
C GLU A 89 -9.56 -12.82 1.91
N SER A 90 -8.82 -13.63 1.13
CA SER A 90 -8.15 -14.85 1.61
C SER A 90 -6.67 -14.63 2.03
N GLY A 91 -6.13 -13.42 1.87
CA GLY A 91 -4.74 -13.14 2.25
C GLY A 91 -3.74 -13.34 1.12
N TYR A 92 -2.43 -13.28 1.46
CA TYR A 92 -1.31 -13.40 0.53
C TYR A 92 -1.38 -12.29 -0.51
N ASP A 93 -2.00 -11.16 -0.13
CA ASP A 93 -2.21 -10.02 -1.04
C ASP A 93 -0.99 -9.12 -1.04
N ILE A 94 0.05 -9.63 -1.69
CA ILE A 94 1.33 -8.97 -1.77
C ILE A 94 1.95 -9.29 -3.14
N ALA A 95 2.66 -8.30 -3.70
CA ALA A 95 3.36 -8.40 -4.96
C ALA A 95 4.57 -7.48 -4.96
N LEU A 96 5.56 -7.83 -5.77
CA LEU A 96 6.75 -7.01 -5.99
C LEU A 96 6.80 -6.59 -7.43
N LEU A 97 7.19 -5.35 -7.66
CA LEU A 97 7.41 -4.88 -9.03
C LEU A 97 8.89 -4.67 -9.11
N LYS A 98 9.51 -5.34 -10.10
CA LYS A 98 10.93 -5.19 -10.34
C LYS A 98 11.01 -4.14 -11.42
N LEU A 99 11.61 -3.01 -11.11
CA LEU A 99 11.70 -1.90 -12.06
C LEU A 99 12.77 -2.13 -13.13
N GLU A 100 12.58 -1.52 -14.32
CA GLU A 100 13.51 -1.64 -15.46
C GLU A 100 14.80 -0.86 -15.22
N THR A 101 14.72 0.22 -14.42
CA THR A 101 15.87 1.06 -14.07
C THR A 101 15.89 1.24 -12.56
N THR A 102 17.01 1.70 -12.03
CA THR A 102 17.28 1.94 -10.61
C THR A 102 16.72 3.30 -10.18
N VAL A 103 16.08 3.37 -9.01
CA VAL A 103 15.58 4.61 -8.41
C VAL A 103 16.79 5.30 -7.76
N GLY A 104 17.05 6.55 -8.13
CA GLY A 104 18.08 7.36 -7.48
C GLY A 104 17.43 7.94 -6.23
N TYR A 105 17.95 7.62 -5.03
CA TYR A 105 17.33 8.15 -3.81
C TYR A 105 17.59 9.65 -3.61
N GLY A 106 16.61 10.33 -3.02
CA GLY A 106 16.66 11.75 -2.74
C GLY A 106 15.59 12.12 -1.74
N ASP A 107 15.35 13.43 -1.60
CA ASP A 107 14.34 13.94 -0.69
C ASP A 107 12.91 13.65 -1.12
N SER A 108 12.70 13.37 -2.43
CA SER A 108 11.36 13.05 -2.96
C SER A 108 11.05 11.58 -3.11
N GLN A 109 12.09 10.73 -3.09
CA GLN A 109 11.95 9.28 -3.27
C GLN A 109 13.06 8.57 -2.54
N ARG A 110 12.69 7.71 -1.61
CA ARG A 110 13.63 6.92 -0.83
C ARG A 110 12.88 5.71 -0.27
N PRO A 111 13.55 4.63 0.18
CA PRO A 111 12.81 3.46 0.65
C PRO A 111 12.30 3.51 2.09
N ILE A 112 11.23 2.75 2.35
CA ILE A 112 10.73 2.61 3.71
C ILE A 112 11.33 1.26 4.21
N CYS A 113 11.71 1.19 5.51
CA CYS A 113 12.24 0.00 6.19
C CYS A 113 11.12 -1.04 6.35
N LEU A 114 11.46 -2.32 6.21
CA LEU A 114 10.52 -3.40 6.43
C LEU A 114 10.46 -3.57 7.91
N PRO A 115 9.36 -4.07 8.52
CA PRO A 115 9.41 -4.28 9.97
C PRO A 115 10.42 -5.38 10.31
N SER A 116 10.92 -5.34 11.55
CA SER A 116 11.89 -6.31 12.04
C SER A 116 11.13 -7.54 12.54
N LYS A 117 11.67 -8.74 12.25
CA LYS A 117 11.12 -10.03 12.72
C LYS A 117 11.06 -10.03 14.25
N GLY A 118 12.04 -9.36 14.89
CA GLY A 118 12.09 -9.15 16.35
C GLY A 118 11.00 -8.23 16.85
N ASP A 119 10.60 -7.26 16.00
CA ASP A 119 9.53 -6.29 16.27
C ASP A 119 8.12 -6.85 15.99
N ARG A 120 7.98 -8.20 15.88
CA ARG A 120 6.67 -8.85 15.65
C ARG A 120 5.73 -8.61 16.86
N ASN A 121 6.31 -8.36 18.06
CA ASN A 121 5.63 -8.12 19.33
C ASN A 121 5.35 -6.64 19.66
N VAL A 122 6.13 -5.68 19.06
CA VAL A 122 6.01 -4.23 19.35
C VAL A 122 4.63 -3.68 18.96
N ILE A 123 4.11 -2.77 19.80
CA ILE A 123 2.83 -2.15 19.54
C ILE A 123 3.07 -0.76 18.94
N TYR A 124 2.62 -0.61 17.68
CA TYR A 124 2.77 0.63 16.92
C TYR A 124 1.61 1.53 17.28
N THR A 125 1.96 2.72 17.75
CA THR A 125 1.03 3.71 18.25
C THR A 125 0.77 4.90 17.29
N ASP A 126 1.60 5.04 16.25
CA ASP A 126 1.57 6.13 15.30
C ASP A 126 1.57 5.59 13.84
N CYS A 127 0.39 5.14 13.36
CA CYS A 127 0.23 4.54 12.03
C CYS A 127 -0.59 5.40 11.12
N TRP A 128 -0.13 5.54 9.87
CA TRP A 128 -0.78 6.38 8.85
C TRP A 128 -0.97 5.60 7.56
N VAL A 129 -2.19 5.69 7.00
CA VAL A 129 -2.54 5.14 5.70
C VAL A 129 -2.55 6.30 4.71
N THR A 130 -1.95 6.12 3.52
CA THR A 130 -1.83 7.19 2.53
C THR A 130 -2.29 6.73 1.17
N GLY A 131 -2.68 7.69 0.32
CA GLY A 131 -3.07 7.39 -1.06
C GLY A 131 -3.88 8.46 -1.75
N TRP A 132 -4.11 8.24 -3.04
CA TRP A 132 -4.89 9.13 -3.90
C TRP A 132 -6.34 8.60 -4.11
N GLY A 133 -6.76 7.68 -3.26
CA GLY A 133 -8.05 7.04 -3.37
C GLY A 133 -9.22 7.93 -3.00
N TYR A 134 -10.42 7.43 -3.25
CA TYR A 134 -11.74 8.05 -3.01
C TYR A 134 -11.86 8.47 -1.56
N ARG A 135 -12.68 9.48 -1.29
CA ARG A 135 -12.85 9.89 0.11
C ARG A 135 -14.20 9.44 0.65
N LYS A 136 -14.90 8.57 -0.12
CA LYS A 136 -16.19 7.90 0.12
C LYS A 136 -16.37 6.87 -1.01
N LEU A 137 -17.26 5.86 -0.83
CA LEU A 137 -17.48 4.78 -1.82
C LEU A 137 -17.75 5.23 -3.24
N ARG A 138 -18.52 6.29 -3.42
CA ARG A 138 -18.82 6.82 -4.75
C ARG A 138 -18.14 8.19 -4.84
N ASP A 139 -16.95 8.20 -5.45
CA ASP A 139 -16.14 9.40 -5.56
C ASP A 139 -15.20 9.28 -6.76
N LYS A 140 -14.05 9.99 -6.70
CA LYS A 140 -13.03 9.98 -7.75
C LYS A 140 -11.66 9.99 -7.09
N ILE A 141 -10.60 9.76 -7.89
CA ILE A 141 -9.21 9.78 -7.43
C ILE A 141 -8.84 11.22 -7.06
N GLN A 142 -8.24 11.41 -5.88
CA GLN A 142 -7.83 12.71 -5.40
C GLN A 142 -6.51 13.13 -6.05
N ASN A 143 -6.41 14.44 -6.36
CA ASN A 143 -5.20 15.03 -6.93
C ASN A 143 -4.04 15.00 -5.93
N THR A 144 -4.27 15.46 -4.68
CA THR A 144 -3.24 15.55 -3.64
C THR A 144 -3.22 14.31 -2.76
N LEU A 145 -2.01 13.77 -2.55
CA LEU A 145 -1.79 12.61 -1.70
C LEU A 145 -2.42 12.90 -0.35
N GLN A 146 -3.34 12.03 0.10
CA GLN A 146 -4.00 12.16 1.42
C GLN A 146 -3.35 11.25 2.43
N LYS A 147 -3.53 11.59 3.73
CA LYS A 147 -3.04 10.84 4.88
C LYS A 147 -4.10 10.78 5.96
N ALA A 148 -4.09 9.69 6.72
CA ALA A 148 -5.00 9.51 7.86
C ALA A 148 -4.33 8.67 8.92
N LYS A 149 -4.29 9.17 10.17
CA LYS A 149 -3.74 8.40 11.30
C LYS A 149 -4.84 7.47 11.77
N ILE A 150 -4.51 6.18 11.87
CA ILE A 150 -5.49 5.14 12.21
C ILE A 150 -4.91 4.26 13.29
N PRO A 151 -5.67 3.83 14.31
CA PRO A 151 -5.10 2.89 15.29
C PRO A 151 -5.18 1.44 14.79
N LEU A 152 -4.14 0.66 15.09
CA LEU A 152 -4.08 -0.77 14.79
C LEU A 152 -5.12 -1.46 15.66
N VAL A 153 -5.66 -2.57 15.18
CA VAL A 153 -6.71 -3.35 15.84
C VAL A 153 -6.17 -4.77 15.98
N THR A 154 -6.41 -5.43 17.13
CA THR A 154 -5.95 -6.81 17.34
C THR A 154 -6.68 -7.77 16.39
N ASN A 155 -6.05 -8.92 16.10
CA ASN A 155 -6.60 -9.99 15.27
C ASN A 155 -7.96 -10.48 15.79
N GLU A 156 -8.07 -10.66 17.13
CA GLU A 156 -9.29 -11.12 17.80
C GLU A 156 -10.43 -10.11 17.57
N GLU A 157 -10.17 -8.82 17.82
CA GLU A 157 -11.11 -7.72 17.60
C GLU A 157 -11.51 -7.60 16.10
N CYS A 158 -10.52 -7.68 15.19
CA CYS A 158 -10.82 -7.64 13.76
C CYS A 158 -11.66 -8.84 13.30
N GLN A 159 -11.36 -10.04 13.80
CA GLN A 159 -12.12 -11.26 13.52
C GLN A 159 -13.62 -11.12 13.95
N LYS A 160 -13.88 -10.40 15.08
CA LYS A 160 -15.23 -10.13 15.59
C LYS A 160 -15.99 -9.27 14.60
N ARG A 161 -15.29 -8.32 13.96
CA ARG A 161 -15.87 -7.36 13.02
C ARG A 161 -16.13 -7.97 11.67
N TYR A 162 -15.45 -9.07 11.35
CA TYR A 162 -15.58 -9.77 10.07
C TYR A 162 -16.02 -11.20 10.25
N ARG A 163 -17.26 -11.35 10.74
CA ARG A 163 -17.89 -12.66 10.92
C ARG A 163 -18.11 -13.23 9.48
N GLY A 164 -17.69 -14.44 9.24
CA GLY A 164 -17.85 -14.96 7.89
C GLY A 164 -16.55 -14.98 7.12
N HIS A 165 -15.54 -14.26 7.62
CA HIS A 165 -14.22 -14.23 7.01
C HIS A 165 -13.29 -14.87 7.98
N LYS A 166 -12.14 -15.29 7.47
CA LYS A 166 -11.10 -15.82 8.29
C LYS A 166 -10.01 -14.75 8.32
N ILE A 167 -9.93 -14.01 9.43
CA ILE A 167 -8.91 -12.97 9.61
C ILE A 167 -7.67 -13.63 10.20
N THR A 168 -6.69 -13.86 9.36
CA THR A 168 -5.47 -14.55 9.77
C THR A 168 -4.41 -13.64 10.38
N HIS A 169 -3.31 -14.23 10.86
CA HIS A 169 -2.22 -13.44 11.43
C HIS A 169 -1.31 -12.86 10.35
N LYS A 170 -1.56 -13.21 9.06
CA LYS A 170 -0.90 -12.62 7.89
C LYS A 170 -1.67 -11.35 7.41
N MET A 171 -2.69 -10.95 8.18
CA MET A 171 -3.48 -9.74 7.98
C MET A 171 -3.34 -8.89 9.22
N ILE A 172 -3.38 -7.57 9.05
CA ILE A 172 -3.37 -6.65 10.16
C ILE A 172 -4.49 -5.64 9.88
N CYS A 173 -5.32 -5.36 10.89
CA CYS A 173 -6.44 -4.45 10.73
C CYS A 173 -6.21 -3.12 11.40
N ALA A 174 -6.87 -2.08 10.87
CA ALA A 174 -6.74 -0.74 11.43
C ALA A 174 -8.01 0.05 11.20
N GLY A 175 -8.43 0.71 12.28
CA GLY A 175 -9.61 1.53 12.25
C GLY A 175 -10.11 1.91 13.61
N TYR A 176 -11.02 2.89 13.62
CA TYR A 176 -11.71 3.43 14.78
C TYR A 176 -13.02 2.69 14.93
N ARG A 177 -13.41 2.36 16.17
CA ARG A 177 -14.68 1.66 16.41
C ARG A 177 -15.86 2.37 15.73
N GLU A 178 -15.83 3.72 15.77
CA GLU A 178 -16.87 4.60 15.21
C GLU A 178 -16.71 4.90 13.70
N GLY A 179 -15.61 4.42 13.10
CA GLY A 179 -15.26 4.63 11.71
C GLY A 179 -14.83 6.05 11.43
N GLY A 180 -14.96 6.49 10.19
CA GLY A 180 -14.67 7.86 9.78
C GLY A 180 -13.35 8.11 9.08
N LYS A 181 -12.33 7.28 9.40
CA LYS A 181 -10.99 7.35 8.77
C LYS A 181 -10.60 5.96 8.27
N ASP A 182 -10.21 5.86 7.01
CA ASP A 182 -9.84 4.57 6.40
C ASP A 182 -9.31 4.80 5.00
N ALA A 183 -8.87 3.70 4.39
CA ALA A 183 -8.52 3.60 2.99
C ALA A 183 -9.84 3.42 2.25
N CYS A 184 -9.84 3.72 0.95
CA CYS A 184 -10.99 3.51 0.09
C CYS A 184 -10.47 3.22 -1.31
N LYS A 185 -11.36 3.13 -2.28
CA LYS A 185 -11.03 2.79 -3.67
C LYS A 185 -9.91 3.66 -4.23
N GLY A 186 -8.86 3.02 -4.71
CA GLY A 186 -7.70 3.71 -5.28
C GLY A 186 -6.49 3.77 -4.40
N ASP A 187 -6.63 3.38 -3.12
CA ASP A 187 -5.56 3.39 -2.14
C ASP A 187 -4.79 2.05 -2.06
N SER A 188 -5.43 0.95 -2.50
CA SER A 188 -4.87 -0.40 -2.35
C SER A 188 -3.50 -0.55 -2.96
N GLY A 189 -2.64 -1.34 -2.31
CA GLY A 189 -1.25 -1.51 -2.74
C GLY A 189 -0.32 -0.59 -1.99
N GLY A 190 -0.88 0.55 -1.58
CA GLY A 190 -0.16 1.59 -0.85
C GLY A 190 0.21 1.18 0.57
N PRO A 191 0.98 2.04 1.26
CA PRO A 191 1.41 1.72 2.62
C PRO A 191 0.49 2.07 3.78
N LEU A 192 0.70 1.33 4.87
CA LEU A 192 0.25 1.60 6.22
C LEU A 192 1.64 1.74 6.93
N SER A 193 2.03 3.00 7.17
CA SER A 193 3.32 3.41 7.73
C SER A 193 3.24 3.70 9.21
N CYS A 194 4.09 3.03 10.00
CA CYS A 194 4.12 3.21 11.45
C CYS A 194 5.49 3.69 11.91
N LYS A 195 5.51 4.83 12.66
CA LYS A 195 6.75 5.42 13.19
C LYS A 195 7.01 4.81 14.58
N HIS A 196 8.15 4.14 14.72
CA HIS A 196 8.56 3.50 15.96
C HIS A 196 10.05 3.82 16.15
N ASN A 197 10.37 4.50 17.29
CA ASN A 197 11.72 4.93 17.66
C ASN A 197 12.36 5.78 16.53
N GLU A 198 11.60 6.78 16.05
CA GLU A 198 11.97 7.75 15.00
C GLU A 198 12.25 7.11 13.61
N VAL A 199 11.82 5.87 13.38
CA VAL A 199 12.02 5.22 12.08
C VAL A 199 10.67 4.70 11.58
N TRP A 200 10.35 5.01 10.33
CA TRP A 200 9.12 4.55 9.73
C TRP A 200 9.30 3.13 9.23
N HIS A 201 8.29 2.29 9.47
CA HIS A 201 8.28 0.88 9.04
C HIS A 201 7.02 0.64 8.22
N LEU A 202 7.16 -0.19 7.18
CA LEU A 202 6.05 -0.60 6.31
C LEU A 202 5.35 -1.73 7.02
N VAL A 203 4.37 -1.39 7.88
CA VAL A 203 3.64 -2.37 8.69
C VAL A 203 2.56 -3.08 7.87
N GLY A 204 1.93 -2.37 6.93
CA GLY A 204 0.88 -2.96 6.11
C GLY A 204 0.82 -2.51 4.67
N ILE A 205 0.11 -3.30 3.84
CA ILE A 205 -0.23 -2.99 2.45
C ILE A 205 -1.77 -2.88 2.42
N THR A 206 -2.30 -1.72 2.01
CA THR A 206 -3.75 -1.50 1.89
C THR A 206 -4.36 -2.60 1.03
N SER A 207 -5.27 -3.37 1.62
CA SER A 207 -5.80 -4.54 0.94
C SER A 207 -7.33 -4.50 0.74
N TRP A 208 -8.15 -4.69 1.78
CA TRP A 208 -9.60 -4.68 1.57
C TRP A 208 -10.36 -4.25 2.82
N GLY A 209 -11.66 -4.01 2.65
CA GLY A 209 -12.59 -3.76 3.75
C GLY A 209 -14.02 -3.88 3.26
N GLU A 210 -14.99 -3.96 4.18
CA GLU A 210 -16.42 -3.95 3.80
C GLU A 210 -16.85 -2.46 3.81
N GLY A 211 -16.98 -1.86 2.62
CA GLY A 211 -17.25 -0.42 2.47
C GLY A 211 -16.00 0.38 2.85
N CYS A 212 -16.12 1.70 3.04
CA CYS A 212 -14.98 2.54 3.47
C CYS A 212 -15.29 3.25 4.75
N ALA A 213 -14.37 3.18 5.73
CA ALA A 213 -14.46 3.86 7.04
C ALA A 213 -15.77 3.63 7.79
N GLN A 214 -16.43 2.48 7.59
CA GLN A 214 -17.68 2.20 8.28
C GLN A 214 -17.36 1.87 9.73
N ARG A 215 -18.28 2.16 10.64
CA ARG A 215 -18.07 1.81 12.04
C ARG A 215 -17.99 0.30 12.21
N GLU A 216 -17.08 -0.15 13.11
CA GLU A 216 -16.88 -1.57 13.40
C GLU A 216 -16.48 -2.41 12.16
N ARG A 217 -15.90 -1.76 11.14
CA ARG A 217 -15.39 -2.36 9.91
C ARG A 217 -13.97 -1.85 9.67
N PRO A 218 -12.98 -2.38 10.42
CA PRO A 218 -11.60 -1.92 10.20
C PRO A 218 -11.12 -2.21 8.78
N GLY A 219 -10.14 -1.45 8.31
CA GLY A 219 -9.54 -1.72 7.02
C GLY A 219 -8.63 -2.92 7.24
N VAL A 220 -8.47 -3.77 6.23
CA VAL A 220 -7.65 -5.00 6.31
C VAL A 220 -6.43 -4.82 5.44
N TYR A 221 -5.26 -5.05 6.03
CA TYR A 221 -3.97 -4.85 5.42
C TYR A 221 -3.16 -6.12 5.42
N THR A 222 -2.24 -6.26 4.44
CA THR A 222 -1.32 -7.39 4.44
C THR A 222 -0.31 -7.11 5.58
N ASN A 223 -0.13 -8.06 6.50
CA ASN A 223 0.78 -7.90 7.64
C ASN A 223 2.20 -8.13 7.16
N VAL A 224 2.87 -7.05 6.71
CA VAL A 224 4.19 -7.09 6.05
C VAL A 224 5.25 -7.87 6.84
N VAL A 225 5.30 -7.75 8.18
CA VAL A 225 6.29 -8.46 9.00
C VAL A 225 6.26 -9.97 8.71
N GLU A 226 5.09 -10.53 8.36
CA GLU A 226 4.92 -11.95 8.04
C GLU A 226 5.42 -12.35 6.64
N TYR A 227 5.87 -11.39 5.82
CA TYR A 227 6.36 -11.67 4.47
C TYR A 227 7.79 -11.18 4.23
N VAL A 228 8.51 -10.83 5.30
CA VAL A 228 9.89 -10.33 5.21
C VAL A 228 10.81 -11.36 4.50
N ASP A 229 10.73 -12.64 4.86
CA ASP A 229 11.54 -13.68 4.21
C ASP A 229 11.12 -13.93 2.77
N TRP A 230 9.80 -13.85 2.47
CA TRP A 230 9.30 -13.94 1.09
C TRP A 230 9.87 -12.80 0.29
N ILE A 231 9.89 -11.57 0.86
CA ILE A 231 10.42 -10.38 0.16
C ILE A 231 11.90 -10.59 -0.11
N LEU A 232 12.65 -11.02 0.91
CA LEU A 232 14.08 -11.26 0.77
C LEU A 232 14.38 -12.33 -0.24
N GLU A 233 13.55 -13.40 -0.28
CA GLU A 233 13.69 -14.51 -1.24
C GLU A 233 13.66 -13.99 -2.69
N LYS A 234 12.72 -13.09 -2.98
CA LYS A 234 12.52 -12.54 -4.33
C LYS A 234 13.51 -11.45 -4.71
N THR A 235 13.92 -10.58 -3.76
CA THR A 235 14.80 -9.44 -3.99
C THR A 235 16.31 -9.74 -3.82
N GLN A 236 16.64 -10.83 -3.09
CA GLN A 236 18.05 -11.21 -2.82
C GLN A 236 18.41 -12.52 -3.50
N ALA A 237 17.63 -12.92 -4.52
CA ALA A 237 17.84 -14.14 -5.30
C ALA A 237 19.26 -14.19 -5.89
N VAL A 238 19.91 -15.37 -5.86
CA VAL A 238 21.25 -15.51 -6.45
C VAL A 238 21.13 -15.65 -7.99
C13 EEJ B . -10.67 3.42 -8.67
C17 EEJ B . -8.70 2.11 -9.03
C16 EEJ B . -8.20 3.09 -9.87
C15 EEJ B . -8.95 4.23 -10.14
C19 EEJ B . -11.48 -0.56 1.09
C20 EEJ B . -11.62 -0.40 2.46
C21 EEJ B . -10.54 -0.57 3.31
C22 EEJ B . -9.33 -0.93 2.78
C23 EEJ B . -9.15 -1.10 1.43
C24 EEJ B . -10.23 -0.91 0.56
C11 EEJ B . -9.60 0.51 -6.68
C12 EEJ B . -9.95 2.25 -8.42
C34 EEJ B . -8.98 6.28 -11.61
C27 EEJ B . -13.87 -1.13 0.43
CL1 EEJ B . -7.96 -1.20 3.84
CL2 EEJ B . -13.05 1.37 -8.52
N3 EEJ B . -9.38 -1.36 -3.72
C4 EEJ B . -9.10 -1.42 -5.16
C5 EEJ B . -10.06 -0.53 -5.89
C6 EEJ B . -9.17 -2.84 -5.77
N7 EEJ B . -11.36 -0.86 -5.85
N8 EEJ B . -12.22 -0.23 -6.65
C9 EEJ B . -11.83 0.73 -7.46
C10 EEJ B . -10.49 1.18 -7.52
C14 EEJ B . -10.20 4.38 -9.54
N18 EEJ B . -8.39 5.16 -11.08
N25 EEJ B . -12.66 -0.60 0.26
C26 EEJ B . -9.99 -1.07 -0.89
N28 EEJ B . -14.64 -0.77 -0.55
N29 EEJ B . -13.89 0.05 -1.34
N30 EEJ B . -12.70 0.16 -0.86
C31 EEJ B . -9.14 -0.31 -1.57
C32 EEJ B . -8.85 -0.33 -3.02
O33 EEJ B . -8.21 0.57 -3.57
O35 EEJ B . -10.11 6.65 -11.42
O36 EEJ B . -8.10 6.90 -12.42
C37 EEJ B . -8.62 8.05 -13.16
C38 EEJ B . -8.78 -2.91 -7.27
C39 EEJ B . -7.41 -2.32 -7.60
C40 EEJ B . -7.15 -2.32 -9.09
C41 EEJ B . -7.38 -3.71 -9.70
N42 EEJ B . -8.64 -4.34 -9.27
C43 EEJ B . -8.83 -4.34 -7.80
C44 EEJ B . -9.55 -4.81 -10.17
O45 EEJ B . -9.42 -4.62 -11.36
C46 EEJ B . -10.77 -5.52 -9.65
H52 EEJ B . -11.61 3.60 -8.14
H55 EEJ B . -8.11 1.21 -8.87
H54 EEJ B . -7.21 2.92 -10.29
H57 EEJ B . -12.57 -0.09 2.92
H58 EEJ B . -10.66 -0.43 4.39
H59 EEJ B . -8.18 -1.39 1.03
H51 EEJ B . -8.56 0.85 -6.63
H61 EEJ B . -14.19 -1.77 1.26
H47 EEJ B . -9.96 -2.10 -3.34
H48 EEJ B . -8.09 -1.05 -5.33
H50 EEJ B . -8.53 -3.51 -5.20
H49 EEJ B . -10.15 -3.27 -5.64
H53 EEJ B . -10.85 5.24 -9.69
H56 EEJ B . -7.44 4.96 -11.36
H60 EEJ B . -10.60 -1.86 -1.33
H62 EEJ B . -8.58 0.43 -0.99
H64 EEJ B . -7.87 8.44 -13.85
H63 EEJ B . -8.82 8.78 -12.38
H65 EEJ B . -9.51 7.79 -13.72
H66 EEJ B . -9.52 -2.34 -7.84
H68 EEJ B . -6.62 -2.86 -7.08
H67 EEJ B . -7.32 -1.29 -7.26
H70 EEJ B . -7.77 -1.58 -9.59
H69 EEJ B . -6.13 -1.99 -9.28
H72 EEJ B . -7.31 -3.62 -10.78
H71 EEJ B . -6.55 -4.37 -9.44
H73 EEJ B . -8.06 -4.95 -7.35
H74 EEJ B . -9.75 -4.81 -7.46
H75 EEJ B . -11.35 -5.87 -10.49
H77 EEJ B . -11.42 -4.83 -9.09
H76 EEJ B . -10.56 -6.37 -9.00
S SO4 C . -18.64 -5.97 21.07
O1 SO4 C . -19.30 -7.05 21.80
O2 SO4 C . -18.92 -6.09 19.64
O3 SO4 C . -17.19 -6.05 21.29
O4 SO4 C . -19.13 -4.68 21.55
C1 EDO D . -14.42 -3.30 -3.21
O1 EDO D . -15.32 -2.85 -4.20
C2 EDO D . -13.10 -2.56 -3.40
O2 EDO D . -12.54 -3.03 -4.60
C1 EDO E . 20.90 4.92 -4.26
O1 EDO E . 20.50 6.20 -4.70
C2 EDO E . 19.80 3.94 -4.67
O2 EDO E . 19.76 3.85 -6.08
C1 EDO F . 5.49 21.97 -3.11
O1 EDO F . 5.95 22.32 -1.79
C2 EDO F . 3.94 21.99 -3.15
O2 EDO F . 3.48 21.32 -4.29
C1 EDO G . 5.74 12.43 -0.81
O1 EDO G . 4.42 12.96 -0.79
C2 EDO G . 6.00 11.71 -2.18
O2 EDO G . 7.39 11.76 -2.53
C1 EDO H . -17.74 -3.41 -0.60
O1 EDO H . -16.53 -3.42 0.10
C2 EDO H . -18.02 -1.96 -1.01
O2 EDO H . -17.09 -1.63 -2.02
C1 EDO I . -15.05 -7.10 0.91
O1 EDO I . -16.42 -6.92 0.64
C2 EDO I . -14.28 -6.71 -0.35
O2 EDO I . -14.57 -5.33 -0.63
C1 EDO J . -3.19 -17.59 11.82
O1 EDO J . -4.58 -17.40 12.04
C2 EDO J . -2.91 -17.82 10.33
O2 EDO J . -1.57 -17.41 10.02
C1 EDO K . -2.38 10.99 -16.16
O1 EDO K . -3.71 10.91 -16.61
C2 EDO K . -1.44 10.51 -17.29
O2 EDO K . -1.32 11.48 -18.34
C1 EDO L . -12.21 -2.00 15.88
O1 EDO L . -13.42 -2.25 16.55
C2 EDO L . -12.42 -0.91 14.81
O2 EDO L . -13.52 -1.25 13.97
C1 EDO M . -2.87 -16.84 5.80
O1 EDO M . -3.74 -17.94 5.59
C2 EDO M . -3.21 -15.70 4.82
O2 EDO M . -4.47 -15.14 5.13
C1 EDO N . 15.34 -4.54 -0.11
O1 EDO N . 14.87 -5.71 0.52
C2 EDO N . 15.71 -4.87 -1.58
O2 EDO N . 16.72 -3.97 -2.08
C1 EDO O . -11.34 -9.67 -3.04
O1 EDO O . -11.36 -10.77 -2.17
C2 EDO O . -10.78 -10.05 -4.45
O2 EDO O . -9.35 -10.11 -4.51
#